data_6MEF
#
_entry.id   6MEF
#
_cell.length_a   76.671
_cell.length_b   146.870
_cell.length_c   175.250
_cell.angle_alpha   90.000
_cell.angle_beta   90.000
_cell.angle_gamma   90.000
#
_symmetry.space_group_name_H-M   'I 2 2 2'
#
loop_
_entity.id
_entity.type
_entity.pdbx_description
1 polymer 'antibody AR3C Heavy Chain'
2 polymer 'antibody AR3C Light Chain'
#
loop_
_entity_poly.entity_id
_entity_poly.type
_entity_poly.pdbx_seq_one_letter_code
_entity_poly.pdbx_strand_id
1 'polypeptide(L)'
;QVQLEQSGAEVKKPGSSVKVSCETSGGTFDNYALNWVRQAPGQGLEWIGGVVPLFGTTRNAQKFQGRVTISDDKSTGTGH
MELRSLRSEDTAVYYCVRSVTPRYCGGGFCYGEFDYWGQGTLVTVSSASTKGPSVFPLAPSSKSTSGGTAALGCLVKDYF
PEPVTVSWNSGALTSGVHTFPAVLQSSGLYSLSSVVTVPSSSLGTQTYICNVNHKPSNTKVDKRVEPKSCDKTHHHHHH
;
H
2 'polypeptide(L)'
;EIELTQSPATLSVSPGERATLSCRASQSVSSNLAWYQQKPGQAPRLLIYGASTRATGIPARFSGSGSGTEFTLTVSRLEP
EDSAVYFCQQYYRSPLTFGGGTKVEIKRTVAAPSVFIFPPSDEQLKSGTASVVCLLNNFYPREAKVQWKVDNALQSGNSQ
ESVTEQDSKDSTYSLSSTLTLSKADYEKHKVYACEVTHQGLSSPVTKSFNRGEC
;
L
#
# COMPACT_ATOMS: atom_id res chain seq x y z
N VAL A 2 -12.92 18.06 5.71
CA VAL A 2 -11.86 18.33 6.67
C VAL A 2 -10.55 17.64 6.25
N GLN A 3 -10.34 17.44 4.96
CA GLN A 3 -9.26 16.57 4.52
C GLN A 3 -8.65 17.09 3.23
N LEU A 4 -7.41 16.64 2.96
CA LEU A 4 -6.58 17.17 1.88
C LEU A 4 -6.63 16.30 0.62
N GLU A 5 -6.60 16.94 -0.55
CA GLU A 5 -6.83 16.31 -1.85
C GLU A 5 -5.64 16.61 -2.74
N GLN A 6 -4.92 15.59 -3.20
CA GLN A 6 -3.73 15.84 -4.00
C GLN A 6 -3.94 15.46 -5.44
N SER A 7 -3.08 15.99 -6.31
CA SER A 7 -3.21 15.74 -7.74
C SER A 7 -3.04 14.25 -8.06
N GLY A 8 -3.24 13.93 -9.33
CA GLY A 8 -3.10 12.57 -9.76
C GLY A 8 -1.66 12.14 -9.86
N ALA A 9 -1.50 10.86 -10.17
CA ALA A 9 -0.20 10.20 -10.16
C ALA A 9 0.48 10.41 -11.51
N GLU A 10 1.52 11.25 -11.56
CA GLU A 10 2.22 11.54 -12.81
C GLU A 10 3.39 10.54 -13.00
N VAL A 11 3.95 10.52 -14.22
CA VAL A 11 5.17 9.77 -14.51
C VAL A 11 6.05 10.64 -15.39
N LYS A 12 7.27 10.91 -14.92
CA LYS A 12 8.18 11.84 -15.58
C LYS A 12 9.47 11.13 -15.94
N LYS A 13 10.08 11.55 -17.08
CA LYS A 13 11.38 11.02 -17.47
C LYS A 13 12.48 11.63 -16.61
N PRO A 14 13.57 10.90 -16.37
CA PRO A 14 14.64 11.46 -15.55
C PRO A 14 15.08 12.82 -16.07
N GLY A 15 15.38 13.73 -15.14
CA GLY A 15 15.87 15.03 -15.49
C GLY A 15 14.82 16.10 -15.69
N SER A 16 13.54 15.78 -15.57
CA SER A 16 12.48 16.76 -15.75
C SER A 16 11.94 17.18 -14.40
N SER A 17 10.80 17.88 -14.42
CA SER A 17 10.20 18.44 -13.22
C SER A 17 8.75 18.00 -13.11
N VAL A 18 8.25 18.04 -11.87
CA VAL A 18 6.93 17.55 -11.54
C VAL A 18 6.30 18.55 -10.57
N LYS A 19 4.96 18.72 -10.66
CA LYS A 19 4.24 19.58 -9.74
C LYS A 19 3.04 18.83 -9.19
N VAL A 20 2.84 18.90 -7.88
CA VAL A 20 1.82 18.17 -7.15
C VAL A 20 1.05 19.20 -6.35
N SER A 21 -0.27 19.09 -6.32
CA SER A 21 -1.12 20.12 -5.74
C SER A 21 -1.79 19.62 -4.47
N CYS A 22 -2.48 20.53 -3.78
CA CYS A 22 -3.16 20.16 -2.54
C CYS A 22 -4.42 21.01 -2.32
N GLU A 23 -5.41 20.91 -3.22
CA GLU A 23 -6.73 21.50 -2.99
C GLU A 23 -7.26 21.01 -1.63
N THR A 24 -8.02 21.87 -0.94
CA THR A 24 -8.61 21.54 0.36
C THR A 24 -10.11 21.35 0.21
N SER A 25 -10.58 20.10 0.35
CA SER A 25 -12.02 19.84 0.38
C SER A 25 -12.61 20.37 1.69
N GLY A 26 -13.81 20.91 1.61
CA GLY A 26 -14.23 21.86 2.61
C GLY A 26 -13.57 23.20 2.32
N GLY A 27 -13.61 24.09 3.31
CA GLY A 27 -12.98 25.39 3.19
C GLY A 27 -11.50 25.32 3.51
N THR A 28 -10.87 26.49 3.48
CA THR A 28 -9.56 26.62 4.10
C THR A 28 -9.73 26.53 5.61
N PHE A 29 -8.60 26.52 6.33
CA PHE A 29 -8.63 26.28 7.78
C PHE A 29 -7.35 26.78 8.42
N ASP A 30 -7.46 27.14 9.69
CA ASP A 30 -6.35 27.68 10.47
C ASP A 30 -5.21 26.68 10.51
N ASN A 31 -4.11 26.97 9.80
CA ASN A 31 -2.89 26.17 9.83
C ASN A 31 -1.69 27.09 9.60
N TYR A 32 -0.51 26.65 9.98
CA TYR A 32 0.67 27.49 9.83
C TYR A 32 1.75 26.94 8.91
N ALA A 33 1.60 25.75 8.35
CA ALA A 33 2.72 25.13 7.66
C ALA A 33 2.22 24.15 6.61
N LEU A 34 2.91 24.16 5.47
CA LEU A 34 2.76 23.16 4.44
C LEU A 34 4.09 22.45 4.30
N ASN A 35 4.12 21.14 4.54
CA ASN A 35 5.30 20.34 4.30
C ASN A 35 4.97 19.18 3.37
N TRP A 36 6.04 18.55 2.86
CA TRP A 36 5.92 17.38 1.99
C TRP A 36 6.85 16.32 2.50
N VAL A 37 6.35 15.10 2.57
CA VAL A 37 7.12 13.95 2.98
C VAL A 37 6.88 12.84 1.97
N ARG A 38 7.94 12.15 1.57
CA ARG A 38 7.76 11.06 0.63
C ARG A 38 8.02 9.72 1.31
N GLN A 39 7.48 8.66 0.70
CA GLN A 39 7.67 7.26 1.11
C GLN A 39 7.94 6.44 -0.14
N ALA A 40 9.17 5.96 -0.29
CA ALA A 40 9.52 5.14 -1.44
C ALA A 40 8.73 3.82 -1.35
N PRO A 41 8.77 2.95 -2.42
CA PRO A 41 7.80 1.83 -2.52
C PRO A 41 7.39 1.13 -1.23
N GLY A 42 8.30 0.40 -0.60
CA GLY A 42 7.96 -0.26 0.65
C GLY A 42 8.72 0.29 1.84
N GLN A 43 9.31 1.47 1.67
CA GLN A 43 10.21 2.06 2.66
C GLN A 43 9.45 2.83 3.73
N GLY A 44 10.21 3.56 4.54
CA GLY A 44 9.67 4.50 5.48
C GLY A 44 9.63 5.91 4.92
N LEU A 45 9.45 6.86 5.83
CA LEU A 45 9.11 8.21 5.46
C LEU A 45 10.36 9.07 5.42
N GLU A 46 10.40 9.97 4.45
CA GLU A 46 11.49 10.92 4.28
C GLU A 46 10.91 12.32 4.13
N TRP A 47 11.24 13.21 5.05
CA TRP A 47 10.85 14.61 4.93
C TRP A 47 11.56 15.29 3.77
N ILE A 48 10.81 16.10 3.03
CA ILE A 48 11.33 16.84 1.87
C ILE A 48 11.57 18.30 2.20
N GLY A 49 10.57 18.96 2.77
CA GLY A 49 10.69 20.38 3.04
C GLY A 49 9.37 20.99 3.47
N GLY A 50 9.38 22.30 3.68
CA GLY A 50 8.19 22.97 4.16
C GLY A 50 8.28 24.47 4.02
N VAL A 51 7.10 25.11 4.10
CA VAL A 51 6.97 26.55 4.23
C VAL A 51 6.31 26.88 5.56
N VAL A 52 6.68 28.02 6.11
CA VAL A 52 5.95 28.61 7.22
C VAL A 52 5.61 30.02 6.77
N PRO A 53 4.44 30.27 6.16
CA PRO A 53 4.15 31.64 5.70
C PRO A 53 4.23 32.64 6.83
N LEU A 54 3.96 32.20 8.06
CA LEU A 54 4.13 33.04 9.25
C LEU A 54 5.42 33.84 9.21
N PHE A 55 6.56 33.16 9.11
CA PHE A 55 7.87 33.80 9.08
C PHE A 55 8.41 34.01 7.66
N GLY A 56 7.69 33.59 6.62
CA GLY A 56 8.15 33.73 5.26
C GLY A 56 9.34 32.88 4.88
N THR A 57 9.53 31.73 5.53
CA THR A 57 10.77 30.97 5.49
C THR A 57 10.54 29.54 4.99
N THR A 58 11.65 28.92 4.58
CA THR A 58 11.67 27.62 3.95
C THR A 58 12.75 26.75 4.57
N ARG A 59 12.47 25.45 4.67
CA ARG A 59 13.49 24.48 4.99
C ARG A 59 13.36 23.32 4.02
N ASN A 60 14.50 22.75 3.62
CA ASN A 60 14.57 21.53 2.82
C ASN A 60 15.55 20.57 3.46
N ALA A 61 15.53 19.34 2.96
CA ALA A 61 16.61 18.40 3.17
C ALA A 61 17.68 18.60 2.10
N GLN A 62 18.90 18.12 2.36
CA GLN A 62 19.97 18.42 1.41
C GLN A 62 19.79 17.67 0.10
N LYS A 63 19.11 16.51 0.12
CA LYS A 63 18.77 15.82 -1.11
C LYS A 63 18.12 16.75 -2.12
N PHE A 64 17.41 17.75 -1.63
CA PHE A 64 16.53 18.56 -2.45
C PHE A 64 17.00 19.99 -2.63
N GLN A 65 18.17 20.34 -2.08
CA GLN A 65 18.63 21.73 -2.14
C GLN A 65 18.70 22.22 -3.58
N GLY A 66 18.02 23.34 -3.86
CA GLY A 66 17.99 23.90 -5.20
C GLY A 66 17.07 23.19 -6.18
N ARG A 67 16.49 22.05 -5.78
CA ARG A 67 15.62 21.27 -6.65
C ARG A 67 14.14 21.41 -6.36
N VAL A 68 13.78 21.92 -5.18
CA VAL A 68 12.39 21.88 -4.71
C VAL A 68 11.89 23.29 -4.48
N THR A 69 10.58 23.46 -4.63
CA THR A 69 9.89 24.73 -4.41
C THR A 69 8.53 24.42 -3.83
N ILE A 70 8.23 24.91 -2.63
CA ILE A 70 6.96 24.59 -1.96
C ILE A 70 6.12 25.87 -1.78
N SER A 71 4.92 25.88 -2.34
CA SER A 71 4.09 27.07 -2.42
C SER A 71 2.84 26.91 -1.59
N ASP A 72 2.44 27.97 -0.90
CA ASP A 72 1.19 28.00 -0.15
C ASP A 72 0.37 29.20 -0.62
N ASP A 73 -0.74 28.96 -1.30
CA ASP A 73 -1.64 30.04 -1.68
C ASP A 73 -2.52 30.39 -0.49
N LYS A 74 -2.38 31.63 -0.01
CA LYS A 74 -3.10 32.10 1.17
C LYS A 74 -4.61 32.04 0.97
N SER A 75 -5.07 32.34 -0.24
CA SER A 75 -6.50 32.49 -0.52
C SER A 75 -7.25 31.15 -0.63
N THR A 76 -6.84 30.36 -1.62
CA THR A 76 -7.42 29.04 -1.87
C THR A 76 -7.21 28.10 -0.68
N GLY A 77 -6.12 28.25 0.06
CA GLY A 77 -5.75 27.26 1.05
C GLY A 77 -5.19 26.01 0.43
N THR A 78 -4.48 26.12 -0.69
CA THR A 78 -3.94 24.98 -1.41
C THR A 78 -2.46 25.19 -1.68
N GLY A 79 -1.71 24.06 -1.70
CA GLY A 79 -0.31 24.07 -2.08
C GLY A 79 -0.02 23.27 -3.33
N HIS A 80 0.51 23.89 -4.38
CA HIS A 80 1.24 23.16 -5.40
C HIS A 80 2.66 22.85 -4.78
N MET A 81 3.40 21.86 -5.33
CA MET A 81 4.81 21.56 -4.91
C MET A 81 5.62 21.04 -6.10
N GLU A 82 6.79 21.63 -6.33
CA GLU A 82 7.55 21.32 -7.53
C GLU A 82 8.92 20.72 -7.18
N LEU A 83 9.31 19.69 -7.93
CA LEU A 83 10.58 19.01 -7.74
C LEU A 83 11.27 18.83 -9.09
N ARG A 84 12.44 19.43 -9.25
CA ARG A 84 13.14 19.50 -10.52
C ARG A 84 14.35 18.57 -10.52
N SER A 85 14.95 18.42 -11.71
CA SER A 85 16.08 17.51 -11.94
C SER A 85 15.81 16.16 -11.29
N LEU A 86 14.76 15.50 -11.77
CA LEU A 86 14.27 14.27 -11.14
C LEU A 86 15.15 13.09 -11.47
N ARG A 87 15.41 12.25 -10.48
CA ARG A 87 16.22 11.05 -10.64
C ARG A 87 15.32 9.83 -10.51
N SER A 88 15.79 8.70 -11.04
CA SER A 88 15.10 7.44 -10.81
C SER A 88 14.92 7.19 -9.32
N GLU A 89 15.87 7.66 -8.52
CA GLU A 89 15.86 7.57 -7.06
C GLU A 89 14.73 8.38 -6.41
N ASP A 90 14.03 9.24 -7.17
CA ASP A 90 12.95 10.06 -6.61
C ASP A 90 11.57 9.39 -6.70
N THR A 91 11.51 8.17 -7.23
CA THR A 91 10.23 7.49 -7.45
C THR A 91 9.63 7.10 -6.11
N ALA A 92 8.54 7.72 -5.73
CA ALA A 92 7.89 7.41 -4.45
C ALA A 92 6.50 8.03 -4.41
N VAL A 93 5.81 7.80 -3.30
CA VAL A 93 4.54 8.44 -3.03
C VAL A 93 4.79 9.72 -2.24
N TYR A 94 4.23 10.82 -2.71
CA TYR A 94 4.43 12.12 -2.06
C TYR A 94 3.19 12.50 -1.27
N TYR A 95 3.40 13.03 -0.07
CA TYR A 95 2.32 13.40 0.83
C TYR A 95 2.38 14.89 1.12
N CYS A 96 1.29 15.59 0.82
CA CYS A 96 1.01 16.92 1.34
C CYS A 96 0.74 16.83 2.84
N VAL A 97 1.33 17.71 3.64
CA VAL A 97 1.08 17.70 5.08
C VAL A 97 0.93 19.13 5.62
N ARG A 98 -0.15 19.37 6.36
CA ARG A 98 -0.45 20.65 7.00
C ARG A 98 -0.37 20.52 8.52
N SER A 99 0.14 21.58 9.17
CA SER A 99 0.26 21.63 10.63
C SER A 99 -0.55 22.81 11.14
N VAL A 100 -1.20 22.65 12.29
CA VAL A 100 -2.15 23.69 12.66
C VAL A 100 -1.49 24.69 13.61
N THR A 101 -1.07 24.25 14.81
CA THR A 101 -0.37 25.24 15.61
C THR A 101 1.08 24.82 15.86
N PRO A 102 1.99 25.79 15.89
CA PRO A 102 3.41 25.49 16.11
C PRO A 102 3.72 25.00 17.52
N ARG A 103 4.88 24.33 17.63
CA ARG A 103 5.35 23.79 18.90
C ARG A 103 6.79 24.15 19.24
N TYR A 104 7.61 24.54 18.26
CA TYR A 104 8.88 25.19 18.56
C TYR A 104 9.24 26.05 17.37
N CYS A 105 9.58 27.31 17.61
CA CYS A 105 10.15 28.13 16.56
C CYS A 105 11.58 28.44 16.95
N GLY A 106 12.49 28.24 16.00
CA GLY A 106 13.87 28.61 16.20
C GLY A 106 14.55 28.78 14.89
N GLY A 107 15.53 29.69 14.86
CA GLY A 107 16.34 29.87 13.68
C GLY A 107 15.53 30.28 12.48
N GLY A 108 14.34 30.86 12.70
CA GLY A 108 13.52 31.40 11.64
C GLY A 108 12.55 30.42 11.03
N PHE A 109 12.25 29.32 11.69
CA PHE A 109 11.28 28.35 11.21
C PHE A 109 10.47 27.86 12.39
N CYS A 110 9.35 27.18 12.09
CA CYS A 110 8.48 26.63 13.12
C CYS A 110 8.20 25.18 12.83
N TYR A 111 8.26 24.37 13.88
CA TYR A 111 8.13 22.92 13.81
C TYR A 111 6.96 22.50 14.70
N GLY A 112 6.27 21.43 14.32
CA GLY A 112 5.26 20.84 15.16
C GLY A 112 4.88 19.42 14.78
N GLU A 113 3.79 18.93 15.40
CA GLU A 113 3.02 17.75 15.01
C GLU A 113 2.66 17.88 13.52
N PHE A 114 2.41 16.78 12.82
CA PHE A 114 1.92 16.82 11.43
C PHE A 114 0.43 16.46 11.46
N ASP A 115 -0.43 17.47 11.61
CA ASP A 115 -1.82 17.21 11.98
C ASP A 115 -2.60 16.53 10.85
N TYR A 116 -2.43 17.00 9.61
CA TYR A 116 -3.28 16.58 8.49
C TYR A 116 -2.45 16.11 7.30
N TRP A 117 -2.78 14.93 6.78
CA TRP A 117 -2.08 14.35 5.63
C TRP A 117 -3.01 14.18 4.42
N GLY A 118 -2.46 14.41 3.25
CA GLY A 118 -3.18 14.12 2.04
C GLY A 118 -3.14 12.66 1.65
N GLN A 119 -3.95 12.33 0.64
CA GLN A 119 -4.13 10.95 0.19
C GLN A 119 -2.84 10.30 -0.30
N GLY A 120 -1.84 11.08 -0.68
CA GLY A 120 -0.69 10.52 -1.35
C GLY A 120 -0.76 10.65 -2.87
N THR A 121 0.42 10.83 -3.48
CA THR A 121 0.54 11.01 -4.93
C THR A 121 1.79 10.27 -5.40
N LEU A 122 1.60 9.27 -6.25
CA LEU A 122 2.72 8.47 -6.71
C LEU A 122 3.28 9.08 -7.97
N VAL A 123 4.52 9.53 -7.91
CA VAL A 123 5.20 9.99 -9.12
C VAL A 123 6.31 8.98 -9.41
N THR A 124 6.31 8.41 -10.61
CA THR A 124 7.33 7.44 -11.02
C THR A 124 8.27 8.10 -12.03
N VAL A 125 9.57 7.97 -11.79
CA VAL A 125 10.55 8.61 -12.67
C VAL A 125 11.27 7.51 -13.43
N SER A 126 11.10 7.50 -14.75
CA SER A 126 11.61 6.44 -15.60
C SER A 126 11.56 6.88 -17.06
N SER A 127 12.61 6.54 -17.81
CA SER A 127 12.60 6.75 -19.24
C SER A 127 11.69 5.76 -19.96
N ALA A 128 11.29 4.69 -19.30
CA ALA A 128 10.40 3.71 -19.92
C ALA A 128 9.08 4.37 -20.32
N SER A 129 8.57 3.94 -21.45
CA SER A 129 7.29 4.45 -21.95
C SER A 129 6.13 3.82 -21.20
N THR A 130 5.10 4.61 -20.98
CA THR A 130 3.96 4.07 -20.25
C THR A 130 3.12 3.18 -21.17
N LYS A 131 2.62 2.11 -20.61
CA LYS A 131 1.72 1.22 -21.32
C LYS A 131 0.59 0.89 -20.34
N GLY A 132 -0.62 0.92 -20.85
CA GLY A 132 -1.77 0.65 -20.02
C GLY A 132 -2.04 -0.83 -20.02
N PRO A 133 -2.93 -1.26 -19.15
CA PRO A 133 -3.07 -2.70 -18.88
C PRO A 133 -3.96 -3.37 -19.91
N SER A 134 -3.88 -4.70 -19.92
CA SER A 134 -4.89 -5.56 -20.51
C SER A 134 -5.55 -6.35 -19.39
N VAL A 135 -6.84 -6.58 -19.51
CA VAL A 135 -7.62 -7.12 -18.41
C VAL A 135 -8.32 -8.40 -18.87
N PHE A 136 -8.06 -9.49 -18.16
CA PHE A 136 -8.65 -10.77 -18.48
C PHE A 136 -9.39 -11.31 -17.27
N PRO A 137 -10.42 -12.13 -17.50
CA PRO A 137 -11.27 -12.60 -16.39
C PRO A 137 -10.76 -13.87 -15.73
N LEU A 138 -10.92 -13.90 -14.41
CA LEU A 138 -10.74 -15.10 -13.61
C LEU A 138 -12.14 -15.62 -13.33
N ALA A 139 -12.67 -16.38 -14.29
CA ALA A 139 -14.01 -16.91 -14.18
C ALA A 139 -14.07 -18.02 -13.12
N PRO A 140 -15.25 -18.27 -12.56
CA PRO A 140 -15.37 -19.34 -11.55
C PRO A 140 -16.03 -20.64 -12.02
N SER A 141 -16.12 -21.63 -11.13
CA SER A 141 -16.89 -22.86 -11.34
C SER A 141 -17.10 -23.51 -9.97
N SER A 142 -17.42 -24.82 -9.95
CA SER A 142 -17.52 -25.59 -8.72
C SER A 142 -17.32 -27.06 -9.04
N GLY A 147 -20.60 -25.39 -4.65
CA GLY A 147 -22.00 -25.30 -4.27
C GLY A 147 -22.27 -24.40 -3.08
N GLY A 148 -21.23 -23.75 -2.56
CA GLY A 148 -21.30 -22.89 -1.39
C GLY A 148 -20.89 -21.45 -1.64
N THR A 149 -19.61 -21.11 -1.48
CA THR A 149 -19.07 -19.81 -1.91
C THR A 149 -18.10 -19.99 -3.06
N ALA A 150 -18.16 -19.08 -4.02
CA ALA A 150 -17.33 -19.11 -5.21
C ALA A 150 -16.29 -18.00 -5.14
N ALA A 151 -15.39 -17.99 -6.11
CA ALA A 151 -14.36 -16.96 -6.18
C ALA A 151 -14.10 -16.57 -7.62
N LEU A 152 -14.25 -15.29 -7.94
CA LEU A 152 -14.03 -14.80 -9.28
C LEU A 152 -13.09 -13.61 -9.23
N GLY A 153 -12.61 -13.18 -10.39
CA GLY A 153 -11.54 -12.21 -10.36
C GLY A 153 -11.25 -11.60 -11.71
N CYS A 154 -10.17 -10.81 -11.72
CA CYS A 154 -9.75 -10.01 -12.85
C CYS A 154 -8.23 -9.95 -12.84
N LEU A 155 -7.62 -10.14 -14.00
CA LEU A 155 -6.17 -10.10 -14.07
C LEU A 155 -5.72 -8.94 -14.92
N VAL A 156 -4.91 -8.07 -14.34
CA VAL A 156 -4.44 -6.85 -14.97
C VAL A 156 -2.97 -7.04 -15.34
N LYS A 157 -2.69 -7.16 -16.62
CA LYS A 157 -1.37 -7.56 -17.07
C LYS A 157 -0.68 -6.49 -17.89
N ASP A 158 0.63 -6.41 -17.71
CA ASP A 158 1.54 -5.72 -18.63
C ASP A 158 1.18 -4.24 -18.77
N TYR A 159 1.44 -3.50 -17.70
CA TYR A 159 1.27 -2.05 -17.68
C TYR A 159 2.49 -1.49 -16.98
N PHE A 160 2.99 -0.34 -17.42
CA PHE A 160 4.30 -0.05 -16.86
C PHE A 160 4.26 0.85 -15.64
N PRO A 161 3.74 2.07 -15.71
CA PRO A 161 3.76 2.92 -14.51
C PRO A 161 2.70 2.42 -13.53
N GLU A 162 3.09 2.28 -12.28
CA GLU A 162 2.10 2.17 -11.24
C GLU A 162 1.46 3.55 -11.06
N PRO A 163 0.25 3.63 -10.50
CA PRO A 163 -0.57 2.57 -9.94
C PRO A 163 -1.74 2.25 -10.80
N VAL A 164 -2.46 1.23 -10.34
CA VAL A 164 -3.64 0.72 -11.00
C VAL A 164 -4.64 0.46 -9.90
N THR A 165 -5.82 1.07 -10.01
CA THR A 165 -6.89 0.88 -9.05
C THR A 165 -7.97 0.01 -9.67
N VAL A 166 -8.65 -0.80 -8.86
CA VAL A 166 -9.76 -1.61 -9.37
C VAL A 166 -10.91 -1.58 -8.38
N SER A 167 -12.13 -1.75 -8.90
CA SER A 167 -13.33 -1.82 -8.10
C SER A 167 -14.31 -2.76 -8.80
N TRP A 168 -15.29 -3.22 -8.03
CA TRP A 168 -16.21 -4.26 -8.47
C TRP A 168 -17.63 -3.70 -8.47
N ASN A 169 -18.27 -3.71 -9.65
CA ASN A 169 -19.64 -3.24 -9.84
C ASN A 169 -19.72 -1.73 -9.64
N SER A 170 -18.68 -1.03 -10.10
CA SER A 170 -18.51 0.40 -9.88
C SER A 170 -18.71 0.75 -8.39
N GLY A 171 -17.81 0.24 -7.57
CA GLY A 171 -17.82 0.49 -6.15
C GLY A 171 -18.93 -0.18 -5.38
N ALA A 172 -19.92 -0.76 -6.06
CA ALA A 172 -21.04 -1.39 -5.37
C ALA A 172 -20.58 -2.51 -4.45
N LEU A 173 -19.67 -3.37 -4.92
CA LEU A 173 -19.23 -4.57 -4.23
C LEU A 173 -17.95 -4.29 -3.45
N THR A 174 -17.94 -4.65 -2.16
CA THR A 174 -16.81 -4.34 -1.31
C THR A 174 -16.36 -5.54 -0.48
N SER A 175 -17.29 -6.24 0.14
CA SER A 175 -16.91 -7.27 1.08
C SER A 175 -16.26 -8.45 0.36
N GLY A 176 -15.24 -9.03 1.00
CA GLY A 176 -14.56 -10.17 0.41
C GLY A 176 -13.81 -9.87 -0.86
N VAL A 177 -13.45 -8.63 -1.10
CA VAL A 177 -12.59 -8.23 -2.21
C VAL A 177 -11.18 -8.16 -1.69
N HIS A 178 -10.25 -8.70 -2.47
CA HIS A 178 -8.83 -8.64 -2.17
C HIS A 178 -8.12 -8.24 -3.46
N THR A 179 -7.34 -7.16 -3.45
CA THR A 179 -6.61 -6.71 -4.62
C THR A 179 -5.11 -6.74 -4.36
N PHE A 180 -4.36 -7.48 -5.22
CA PHE A 180 -3.04 -7.80 -4.70
C PHE A 180 -2.02 -6.77 -5.10
N PRO A 181 -0.98 -6.63 -4.27
CA PRO A 181 0.19 -5.84 -4.66
C PRO A 181 0.68 -6.21 -6.02
N ALA A 182 0.75 -5.24 -6.93
CA ALA A 182 1.33 -5.50 -8.24
C ALA A 182 2.70 -6.15 -8.06
N VAL A 183 3.00 -7.10 -8.94
CA VAL A 183 4.33 -7.70 -9.01
C VAL A 183 4.93 -7.27 -10.34
N LEU A 184 6.18 -6.83 -10.31
CA LEU A 184 6.86 -6.43 -11.54
C LEU A 184 7.41 -7.67 -12.23
N GLN A 185 7.02 -7.84 -13.49
CA GLN A 185 7.34 -9.01 -14.28
C GLN A 185 8.74 -8.88 -14.91
N SER A 186 9.23 -10.00 -15.44
CA SER A 186 10.47 -10.03 -16.21
C SER A 186 10.48 -8.99 -17.33
N SER A 187 9.33 -8.78 -17.97
CA SER A 187 9.24 -7.89 -19.12
C SER A 187 9.63 -6.46 -18.75
N GLY A 188 9.42 -6.08 -17.51
CA GLY A 188 9.51 -4.70 -17.07
C GLY A 188 8.18 -4.06 -16.85
N LEU A 189 7.09 -4.81 -17.05
CA LEU A 189 5.75 -4.34 -16.83
C LEU A 189 5.18 -4.97 -15.58
N TYR A 190 4.22 -4.29 -14.98
CA TYR A 190 3.57 -4.81 -13.80
C TYR A 190 2.41 -5.72 -14.17
N SER A 191 1.95 -6.46 -13.17
CA SER A 191 0.79 -7.32 -13.31
C SER A 191 0.15 -7.41 -11.94
N LEU A 192 -1.16 -7.57 -11.93
CA LEU A 192 -1.89 -7.43 -10.68
C LEU A 192 -3.14 -8.29 -10.80
N SER A 193 -3.67 -8.68 -9.66
CA SER A 193 -4.85 -9.51 -9.69
C SER A 193 -5.80 -9.04 -8.61
N SER A 194 -7.07 -8.99 -8.93
CA SER A 194 -8.09 -8.65 -7.96
C SER A 194 -9.15 -9.73 -8.00
N VAL A 195 -9.68 -10.08 -6.82
CA VAL A 195 -10.60 -11.20 -6.69
C VAL A 195 -11.64 -10.84 -5.64
N VAL A 196 -12.70 -11.64 -5.62
CA VAL A 196 -13.74 -11.45 -4.63
C VAL A 196 -14.46 -12.78 -4.42
N THR A 197 -14.79 -13.06 -3.17
CA THR A 197 -15.51 -14.28 -2.81
C THR A 197 -17.00 -13.96 -2.80
N VAL A 198 -17.77 -14.87 -3.38
CA VAL A 198 -19.18 -14.65 -3.73
C VAL A 198 -19.94 -15.94 -3.55
N PRO A 199 -21.17 -15.88 -3.02
CA PRO A 199 -21.96 -17.10 -2.85
C PRO A 199 -22.15 -17.86 -4.15
N SER A 200 -22.25 -19.19 -4.05
CA SER A 200 -22.35 -20.02 -5.25
C SER A 200 -23.68 -19.81 -5.96
N SER A 201 -24.77 -19.66 -5.18
CA SER A 201 -26.07 -19.44 -5.79
C SER A 201 -26.14 -18.15 -6.59
N SER A 202 -25.21 -17.23 -6.34
CA SER A 202 -25.32 -15.89 -6.90
C SER A 202 -25.19 -15.89 -8.42
N LEU A 203 -24.27 -16.70 -8.96
CA LEU A 203 -23.88 -16.59 -10.36
C LEU A 203 -25.05 -16.81 -11.31
N GLY A 204 -24.83 -16.42 -12.57
CA GLY A 204 -25.93 -16.38 -13.52
C GLY A 204 -26.85 -15.19 -13.25
N THR A 205 -27.45 -15.16 -12.06
CA THR A 205 -28.27 -14.03 -11.62
C THR A 205 -27.44 -12.75 -11.55
N GLN A 206 -26.61 -12.66 -10.51
CA GLN A 206 -25.85 -11.46 -10.24
C GLN A 206 -24.70 -11.29 -11.24
N THR A 207 -24.55 -10.08 -11.77
CA THR A 207 -23.49 -9.72 -12.68
C THR A 207 -22.29 -9.18 -11.92
N TYR A 208 -21.09 -9.54 -12.38
CA TYR A 208 -19.84 -9.10 -11.77
C TYR A 208 -18.99 -8.43 -12.84
N ILE A 209 -18.64 -7.17 -12.61
CA ILE A 209 -17.78 -6.39 -13.49
C ILE A 209 -16.67 -5.80 -12.65
N CYS A 210 -15.46 -5.83 -13.17
CA CYS A 210 -14.33 -5.20 -12.50
C CYS A 210 -13.93 -3.95 -13.29
N ASN A 211 -13.69 -2.86 -12.57
CA ASN A 211 -13.40 -1.59 -13.22
C ASN A 211 -12.00 -1.20 -12.81
N VAL A 212 -11.09 -1.11 -13.79
CA VAL A 212 -9.68 -0.90 -13.50
C VAL A 212 -9.27 0.37 -14.22
N ASN A 213 -8.83 1.36 -13.44
CA ASN A 213 -8.28 2.60 -13.98
C ASN A 213 -6.76 2.58 -13.88
N HIS A 214 -6.11 3.16 -14.88
CA HIS A 214 -4.66 3.29 -14.88
C HIS A 214 -4.36 4.70 -15.43
N LYS A 215 -4.49 5.69 -14.54
CA LYS A 215 -4.46 7.08 -14.98
C LYS A 215 -3.17 7.50 -15.68
N PRO A 216 -1.99 6.93 -15.43
CA PRO A 216 -0.81 7.40 -16.17
C PRO A 216 -0.94 7.22 -17.68
N SER A 217 -1.98 6.52 -18.15
CA SER A 217 -2.22 6.32 -19.57
C SER A 217 -3.66 6.66 -19.94
N ASN A 218 -4.41 7.26 -19.01
CA ASN A 218 -5.82 7.64 -19.18
C ASN A 218 -6.64 6.51 -19.79
N THR A 219 -6.52 5.33 -19.21
CA THR A 219 -7.26 4.17 -19.69
C THR A 219 -8.01 3.57 -18.52
N LYS A 220 -9.31 3.36 -18.71
CA LYS A 220 -10.13 2.59 -17.79
C LYS A 220 -10.76 1.49 -18.61
N VAL A 221 -10.73 0.25 -18.10
CA VAL A 221 -11.43 -0.84 -18.77
C VAL A 221 -12.34 -1.50 -17.75
N ASP A 222 -13.62 -1.68 -18.11
CA ASP A 222 -14.56 -2.49 -17.34
C ASP A 222 -14.72 -3.85 -17.99
N LYS A 223 -14.62 -4.90 -17.17
CA LYS A 223 -14.55 -6.27 -17.69
C LYS A 223 -15.59 -7.13 -17.01
N ARG A 224 -16.44 -7.77 -17.82
CA ARG A 224 -17.53 -8.60 -17.32
C ARG A 224 -17.01 -10.00 -17.08
N VAL A 225 -17.36 -10.56 -15.92
CA VAL A 225 -16.81 -11.83 -15.45
C VAL A 225 -17.97 -12.78 -15.22
N GLU A 226 -18.15 -13.73 -16.13
CA GLU A 226 -19.23 -14.69 -15.99
C GLU A 226 -18.66 -16.10 -16.02
N PRO A 227 -19.38 -17.06 -15.43
CA PRO A 227 -18.94 -18.47 -15.53
C PRO A 227 -18.94 -18.91 -16.99
N LYS A 228 -18.06 -19.84 -17.30
CA LYS A 228 -17.80 -20.21 -18.68
C LYS A 228 -18.63 -21.44 -19.07
N SER A 229 -18.99 -21.51 -20.36
CA SER A 229 -19.68 -22.66 -20.93
C SER A 229 -18.71 -23.68 -21.54
N GLU B 1 20.59 15.12 11.03
CA GLU B 1 21.17 13.79 11.03
C GLU B 1 20.70 13.05 12.27
N ILE B 2 19.73 13.59 13.02
CA ILE B 2 19.25 12.86 14.19
C ILE B 2 18.67 11.51 13.78
N GLU B 3 19.49 10.47 13.82
CA GLU B 3 19.05 9.15 13.37
C GLU B 3 18.13 8.55 14.45
N LEU B 4 16.85 8.40 14.12
CA LEU B 4 15.90 7.73 14.98
C LEU B 4 15.90 6.25 14.67
N THR B 5 16.08 5.43 15.71
CA THR B 5 16.14 3.98 15.57
C THR B 5 14.94 3.39 16.30
N GLN B 6 14.01 2.83 15.52
CA GLN B 6 12.83 2.20 16.07
C GLN B 6 13.13 0.71 16.25
N SER B 7 12.89 0.21 17.46
CA SER B 7 13.08 -1.18 17.76
C SER B 7 11.91 -1.61 18.64
N PRO B 8 11.31 -2.77 18.38
CA PRO B 8 11.78 -3.61 17.27
C PRO B 8 11.00 -3.42 15.97
N ALA B 9 11.47 -4.10 14.93
CA ALA B 9 10.93 -3.92 13.59
C ALA B 9 9.63 -4.67 13.39
N THR B 10 9.58 -5.92 13.81
CA THR B 10 8.42 -6.79 13.64
C THR B 10 7.75 -7.00 14.98
N LEU B 11 6.42 -7.11 14.97
CA LEU B 11 5.71 -7.56 16.16
C LEU B 11 4.47 -8.34 15.76
N SER B 12 4.23 -9.42 16.52
CA SER B 12 3.00 -10.19 16.50
C SER B 12 2.50 -10.27 17.93
N VAL B 13 1.32 -9.70 18.20
CA VAL B 13 0.75 -9.76 19.54
C VAL B 13 -0.70 -10.21 19.45
N SER B 14 -1.18 -10.89 20.52
CA SER B 14 -2.52 -11.45 20.57
C SER B 14 -3.53 -10.38 20.97
N PRO B 15 -4.73 -10.40 20.37
CA PRO B 15 -5.69 -9.30 20.61
C PRO B 15 -6.00 -9.15 22.08
N GLY B 16 -6.25 -7.91 22.49
CA GLY B 16 -6.52 -7.66 23.88
C GLY B 16 -5.31 -7.75 24.80
N GLU B 17 -4.10 -7.94 24.28
CA GLU B 17 -2.91 -7.86 25.14
C GLU B 17 -2.33 -6.45 25.13
N ARG B 18 -1.00 -6.30 25.12
CA ARG B 18 -0.37 -4.99 25.15
C ARG B 18 0.89 -4.97 24.29
N ALA B 19 0.88 -4.12 23.26
CA ALA B 19 2.03 -3.92 22.38
C ALA B 19 2.80 -2.67 22.80
N THR B 20 4.13 -2.76 22.79
CA THR B 20 5.00 -1.68 23.31
C THR B 20 6.16 -1.42 22.36
N LEU B 21 6.15 -0.26 21.73
CA LEU B 21 7.19 0.16 20.78
C LEU B 21 8.15 1.13 21.43
N SER B 22 9.39 1.14 20.95
CA SER B 22 10.38 2.08 21.45
C SER B 22 11.04 2.82 20.30
N CYS B 23 11.10 4.14 20.43
CA CYS B 23 11.87 5.00 19.56
C CYS B 23 13.01 5.58 20.39
N ARG B 24 14.23 5.49 19.88
CA ARG B 24 15.39 5.92 20.64
C ARG B 24 16.22 6.87 19.78
N ALA B 25 16.15 8.17 20.09
CA ALA B 25 16.89 9.17 19.35
C ALA B 25 18.39 8.95 19.50
N SER B 26 19.13 9.35 18.49
CA SER B 26 20.59 9.31 18.60
C SER B 26 21.14 10.51 19.38
N GLN B 27 20.52 11.71 19.28
CA GLN B 27 21.05 12.91 19.92
C GLN B 27 19.88 13.71 20.53
N SER B 28 19.25 13.13 21.56
CA SER B 28 18.25 13.80 22.40
C SER B 28 17.32 14.80 21.72
N VAL B 29 16.18 14.31 21.24
CA VAL B 29 15.19 15.21 20.66
C VAL B 29 14.39 15.95 21.73
N SER B 30 14.39 15.45 22.96
CA SER B 30 13.74 16.13 24.09
C SER B 30 12.28 16.53 23.89
N SER B 31 11.35 15.58 24.08
CA SER B 31 9.90 15.79 24.07
C SER B 31 9.28 16.20 22.73
N ASN B 32 10.10 16.49 21.72
CA ASN B 32 9.56 16.96 20.44
C ASN B 32 9.40 15.80 19.45
N LEU B 33 8.64 14.79 19.88
CA LEU B 33 8.47 13.56 19.13
C LEU B 33 7.01 13.38 18.71
N ALA B 34 6.79 12.60 17.67
CA ALA B 34 5.45 12.29 17.22
C ALA B 34 5.37 10.83 16.84
N TRP B 35 4.18 10.26 16.96
CA TRP B 35 3.93 8.86 16.63
C TRP B 35 2.79 8.81 15.62
N TYR B 36 3.10 8.37 14.40
CA TYR B 36 2.11 8.21 13.35
C TYR B 36 1.83 6.74 13.10
N GLN B 37 0.59 6.45 12.68
CA GLN B 37 0.15 5.09 12.39
C GLN B 37 -0.29 5.02 10.94
N GLN B 38 0.31 4.12 10.18
CA GLN B 38 0.00 3.94 8.77
C GLN B 38 -0.61 2.56 8.61
N LYS B 39 -1.88 2.52 8.26
CA LYS B 39 -2.59 1.28 7.96
C LYS B 39 -2.35 0.95 6.48
N PRO B 40 -2.77 -0.24 6.01
CA PRO B 40 -2.44 -0.63 4.63
C PRO B 40 -3.11 0.28 3.61
N GLY B 41 -2.32 0.72 2.63
CA GLY B 41 -2.79 1.58 1.56
C GLY B 41 -2.87 3.05 1.94
N GLN B 42 -3.34 3.29 3.16
CA GLN B 42 -3.69 4.59 3.68
C GLN B 42 -2.48 5.46 3.97
N ALA B 43 -2.76 6.77 4.07
CA ALA B 43 -1.79 7.73 4.53
C ALA B 43 -1.60 7.60 6.03
N PRO B 44 -0.51 8.14 6.57
CA PRO B 44 -0.29 8.14 8.02
C PRO B 44 -1.31 9.02 8.75
N ARG B 45 -1.58 8.64 9.99
CA ARG B 45 -2.51 9.33 10.89
C ARG B 45 -1.75 9.62 12.17
N LEU B 46 -1.79 10.89 12.60
CA LEU B 46 -1.12 11.28 13.84
C LEU B 46 -1.84 10.70 15.05
N LEU B 47 -1.07 10.09 15.94
CA LEU B 47 -1.57 9.57 17.21
C LEU B 47 -1.15 10.48 18.35
N ILE B 48 0.15 10.71 18.49
CA ILE B 48 0.72 11.32 19.69
C ILE B 48 1.70 12.40 19.27
N TYR B 49 1.37 13.66 19.57
CA TYR B 49 2.28 14.79 19.47
C TYR B 49 2.82 15.13 20.84
N GLY B 50 3.90 15.91 20.87
CA GLY B 50 4.65 15.96 22.11
C GLY B 50 5.13 14.56 22.51
N ALA B 51 5.68 14.48 23.72
CA ALA B 51 6.22 13.21 24.16
C ALA B 51 5.13 12.14 24.28
N SER B 52 3.89 12.56 24.54
CA SER B 52 2.88 11.65 25.08
C SER B 52 1.50 12.26 25.16
N THR B 53 1.24 13.32 24.42
CA THR B 53 -0.05 14.01 24.46
C THR B 53 -0.85 13.55 23.24
N ARG B 54 -1.86 12.73 23.49
CA ARG B 54 -2.59 12.12 22.38
C ARG B 54 -3.33 13.19 21.57
N ALA B 55 -3.34 13.00 20.25
CA ALA B 55 -3.99 13.93 19.35
C ALA B 55 -5.50 13.84 19.46
N THR B 56 -6.18 14.77 18.77
CA THR B 56 -7.64 14.79 18.79
C THR B 56 -8.20 13.48 18.25
N GLY B 57 -9.22 12.97 18.92
CA GLY B 57 -9.94 11.82 18.40
C GLY B 57 -9.15 10.53 18.38
N ILE B 58 -8.16 10.38 19.25
CA ILE B 58 -7.46 9.10 19.38
C ILE B 58 -7.90 8.46 20.68
N PRO B 59 -8.19 7.16 20.71
CA PRO B 59 -8.52 6.50 21.98
C PRO B 59 -7.32 6.40 22.89
N ALA B 60 -7.60 6.31 24.19
CA ALA B 60 -6.59 6.32 25.23
C ALA B 60 -5.85 5.00 25.40
N ARG B 61 -6.15 3.97 24.60
CA ARG B 61 -5.34 2.76 24.61
C ARG B 61 -3.90 3.08 24.21
N PHE B 62 -3.75 4.04 23.29
CA PHE B 62 -2.45 4.52 22.87
C PHE B 62 -1.86 5.45 23.94
N SER B 63 -0.66 5.15 24.38
CA SER B 63 0.02 5.97 25.38
C SER B 63 1.46 6.19 24.93
N GLY B 64 1.93 7.44 25.06
CA GLY B 64 3.30 7.78 24.78
C GLY B 64 4.10 7.99 26.07
N SER B 65 5.42 8.01 25.91
CA SER B 65 6.28 8.13 27.07
C SER B 65 7.70 8.35 26.59
N GLY B 66 8.44 9.21 27.30
CA GLY B 66 9.81 9.43 26.94
C GLY B 66 10.28 10.87 27.02
N SER B 67 11.59 11.03 26.95
CA SER B 67 12.25 12.33 26.92
C SER B 67 13.68 12.11 26.46
N GLY B 68 14.21 13.09 25.73
CA GLY B 68 15.61 13.04 25.34
C GLY B 68 15.97 11.93 24.37
N THR B 69 16.59 10.85 24.86
CA THR B 69 17.17 9.85 23.98
C THR B 69 16.39 8.54 23.96
N GLU B 70 15.12 8.53 24.41
CA GLU B 70 14.44 7.27 24.62
C GLU B 70 12.94 7.44 24.79
N PHE B 71 12.14 6.74 23.98
CA PHE B 71 10.71 6.91 23.98
C PHE B 71 10.00 5.58 23.86
N THR B 72 8.67 5.65 23.90
CA THR B 72 7.81 4.50 24.09
C THR B 72 6.37 4.85 23.72
N LEU B 73 5.79 4.09 22.80
CA LEU B 73 4.38 4.14 22.48
C LEU B 73 3.82 2.77 22.77
N THR B 74 2.79 2.70 23.62
CA THR B 74 2.20 1.40 23.95
C THR B 74 0.71 1.43 23.72
N VAL B 75 0.20 0.36 23.10
CA VAL B 75 -1.22 0.16 22.85
C VAL B 75 -1.66 -1.07 23.64
N SER B 76 -2.74 -0.91 24.42
CA SER B 76 -3.32 -1.97 25.23
C SER B 76 -4.64 -2.43 24.62
N ARG B 77 -5.09 -3.62 25.07
CA ARG B 77 -6.32 -4.23 24.58
C ARG B 77 -6.50 -4.00 23.08
N LEU B 78 -5.66 -4.65 22.28
CA LEU B 78 -5.58 -4.34 20.87
C LEU B 78 -6.78 -4.85 20.11
N GLU B 79 -7.35 -3.98 19.29
CA GLU B 79 -8.30 -4.41 18.30
C GLU B 79 -7.54 -4.91 17.06
N PRO B 80 -8.18 -5.73 16.22
CA PRO B 80 -7.57 -6.04 14.92
C PRO B 80 -7.43 -4.84 14.01
N GLU B 81 -8.14 -3.74 14.25
CA GLU B 81 -7.92 -2.55 13.42
C GLU B 81 -6.51 -1.99 13.60
N ASP B 82 -5.85 -2.30 14.73
CA ASP B 82 -4.53 -1.78 15.05
C ASP B 82 -3.40 -2.43 14.28
N SER B 83 -3.66 -3.33 13.35
CA SER B 83 -2.59 -3.84 12.50
C SER B 83 -2.11 -2.71 11.61
N ALA B 84 -0.84 -2.31 11.80
CA ALA B 84 -0.29 -1.16 11.09
C ALA B 84 1.22 -1.12 11.27
N VAL B 85 1.86 -0.32 10.45
CA VAL B 85 3.21 0.14 10.74
C VAL B 85 3.11 1.41 11.56
N TYR B 86 4.05 1.61 12.50
CA TYR B 86 4.05 2.72 13.43
C TYR B 86 5.38 3.45 13.31
N PHE B 87 5.32 4.74 12.97
CA PHE B 87 6.50 5.55 12.77
C PHE B 87 6.61 6.58 13.88
N CYS B 88 7.84 6.95 14.21
CA CYS B 88 8.10 8.07 15.11
C CYS B 88 8.87 9.15 14.35
N GLN B 89 8.54 10.39 14.62
CA GLN B 89 9.25 11.50 13.99
C GLN B 89 9.69 12.48 15.05
N GLN B 90 10.87 13.07 14.85
CA GLN B 90 11.33 14.19 15.66
C GLN B 90 11.14 15.50 14.91
N TYR B 91 10.92 16.59 15.67
CA TYR B 91 10.91 17.94 15.12
C TYR B 91 11.70 18.90 16.00
N TYR B 92 12.68 18.39 16.76
CA TYR B 92 13.54 19.21 17.62
C TYR B 92 14.35 20.22 16.80
N ARG B 93 14.99 19.73 15.74
CA ARG B 93 15.80 20.53 14.83
C ARG B 93 15.57 19.99 13.43
N SER B 94 15.72 20.83 12.45
CA SER B 94 15.73 20.41 11.06
C SER B 94 17.06 19.75 10.77
N PRO B 95 17.12 18.77 9.85
CA PRO B 95 16.01 18.26 9.04
C PRO B 95 15.19 17.24 9.79
N LEU B 96 13.94 17.08 9.39
CA LEU B 96 13.02 16.27 10.14
C LEU B 96 13.25 14.81 9.78
N THR B 97 13.32 13.96 10.79
CA THR B 97 13.59 12.56 10.51
C THR B 97 12.50 11.68 11.10
N PHE B 98 12.27 10.56 10.41
CA PHE B 98 11.37 9.51 10.88
C PHE B 98 12.18 8.28 11.27
N GLY B 99 11.57 7.45 12.11
CA GLY B 99 12.09 6.12 12.30
C GLY B 99 11.74 5.25 11.13
N GLY B 100 12.37 4.08 11.07
CA GLY B 100 12.04 3.15 10.00
C GLY B 100 10.71 2.45 10.20
N GLY B 101 10.12 2.55 11.38
CA GLY B 101 8.78 2.02 11.57
C GLY B 101 8.79 0.65 12.23
N THR B 102 7.59 0.22 12.60
CA THR B 102 7.41 -0.99 13.38
C THR B 102 6.07 -1.59 12.96
N LYS B 103 6.13 -2.52 12.00
CA LYS B 103 4.94 -3.26 11.63
C LYS B 103 4.49 -4.13 12.79
N VAL B 104 3.17 -4.21 12.98
CA VAL B 104 2.59 -4.98 14.06
C VAL B 104 1.49 -5.86 13.46
N GLU B 105 1.70 -7.17 13.56
CA GLU B 105 0.70 -8.14 13.19
C GLU B 105 -0.17 -8.34 14.42
N ILE B 106 -1.46 -8.56 14.22
CA ILE B 106 -2.33 -8.90 15.34
C ILE B 106 -2.57 -10.40 15.24
N LYS B 107 -2.18 -11.15 16.28
CA LYS B 107 -2.36 -12.60 16.29
C LYS B 107 -3.84 -12.94 16.25
N ARG B 108 -4.16 -14.10 15.70
CA ARG B 108 -5.50 -14.65 15.80
C ARG B 108 -5.42 -16.17 15.73
N THR B 109 -6.56 -16.80 15.95
CA THR B 109 -6.64 -18.24 15.80
C THR B 109 -6.23 -18.68 14.39
N VAL B 110 -5.67 -19.88 14.28
CA VAL B 110 -5.20 -20.36 12.98
C VAL B 110 -6.38 -20.57 12.05
N ALA B 111 -6.18 -20.28 10.77
CA ALA B 111 -7.23 -20.39 9.76
C ALA B 111 -6.61 -20.94 8.49
N ALA B 112 -7.23 -21.97 7.95
CA ALA B 112 -6.74 -22.62 6.74
C ALA B 112 -7.19 -21.84 5.51
N PRO B 113 -6.37 -21.82 4.46
CA PRO B 113 -6.78 -21.15 3.23
C PRO B 113 -7.87 -21.91 2.51
N SER B 114 -8.75 -21.14 1.87
CA SER B 114 -9.51 -21.67 0.75
C SER B 114 -8.63 -21.52 -0.48
N VAL B 115 -8.59 -22.54 -1.32
CA VAL B 115 -7.73 -22.51 -2.49
C VAL B 115 -8.58 -22.55 -3.74
N PHE B 116 -8.18 -21.77 -4.73
CA PHE B 116 -8.90 -21.64 -6.00
C PHE B 116 -7.88 -21.54 -7.10
N ILE B 117 -8.13 -22.24 -8.20
CA ILE B 117 -7.25 -22.20 -9.35
C ILE B 117 -8.03 -21.64 -10.53
N PHE B 118 -7.40 -20.74 -11.28
CA PHE B 118 -8.06 -20.08 -12.42
C PHE B 118 -7.25 -20.34 -13.69
N PRO B 119 -7.81 -21.08 -14.64
CA PRO B 119 -7.13 -21.28 -15.94
C PRO B 119 -7.06 -19.98 -16.71
N PRO B 120 -6.08 -19.83 -17.61
CA PRO B 120 -5.97 -18.56 -18.35
C PRO B 120 -7.23 -18.36 -19.17
N SER B 121 -7.47 -17.12 -19.58
CA SER B 121 -8.63 -16.83 -20.38
C SER B 121 -8.38 -17.24 -21.83
N ASP B 122 -9.47 -17.60 -22.53
CA ASP B 122 -9.35 -17.81 -23.97
C ASP B 122 -8.91 -16.52 -24.68
N GLU B 123 -9.29 -15.36 -24.13
CA GLU B 123 -8.88 -14.09 -24.71
C GLU B 123 -7.38 -13.87 -24.54
N GLN B 124 -6.84 -14.17 -23.36
CA GLN B 124 -5.40 -14.01 -23.17
C GLN B 124 -4.60 -14.89 -24.11
N LEU B 125 -5.10 -16.11 -24.38
CA LEU B 125 -4.32 -17.05 -25.17
C LEU B 125 -4.16 -16.57 -26.60
N LYS B 126 -5.17 -15.88 -27.14
CA LYS B 126 -4.99 -15.30 -28.47
C LYS B 126 -3.83 -14.31 -28.51
N SER B 127 -3.43 -13.75 -27.37
CA SER B 127 -2.23 -12.90 -27.36
C SER B 127 -0.97 -13.72 -27.69
N GLY B 128 -0.63 -14.66 -26.84
CA GLY B 128 0.61 -15.38 -27.03
C GLY B 128 1.26 -15.77 -25.73
N THR B 129 0.51 -15.60 -24.64
CA THR B 129 0.95 -15.98 -23.32
C THR B 129 -0.25 -16.51 -22.55
N ALA B 130 0.03 -17.21 -21.45
CA ALA B 130 -0.98 -17.88 -20.66
C ALA B 130 -0.66 -17.69 -19.20
N SER B 131 -1.67 -17.43 -18.38
CA SER B 131 -1.44 -17.05 -17.00
C SER B 131 -2.40 -17.84 -16.11
N VAL B 132 -1.83 -18.77 -15.33
CA VAL B 132 -2.60 -19.59 -14.39
C VAL B 132 -2.46 -18.99 -13.00
N VAL B 133 -3.56 -18.94 -12.26
CA VAL B 133 -3.60 -18.17 -11.03
C VAL B 133 -4.14 -19.05 -9.92
N CYS B 134 -3.43 -19.08 -8.81
CA CYS B 134 -3.84 -19.83 -7.62
C CYS B 134 -4.09 -18.80 -6.51
N LEU B 135 -5.25 -18.90 -5.87
CA LEU B 135 -5.62 -17.95 -4.83
C LEU B 135 -5.87 -18.68 -3.51
N LEU B 136 -5.17 -18.24 -2.47
CA LEU B 136 -5.39 -18.67 -1.09
C LEU B 136 -6.03 -17.50 -0.37
N ASN B 137 -7.31 -17.64 -0.03
CA ASN B 137 -8.11 -16.52 0.47
C ASN B 137 -8.26 -16.62 1.97
N ASN B 138 -8.20 -15.46 2.64
CA ASN B 138 -8.53 -15.22 4.05
C ASN B 138 -7.99 -16.34 4.96
N PHE B 139 -6.69 -16.29 5.32
CA PHE B 139 -5.96 -17.33 6.07
C PHE B 139 -4.91 -16.74 7.00
N TYR B 140 -4.43 -17.56 7.96
CA TYR B 140 -3.44 -17.16 8.98
C TYR B 140 -2.85 -18.42 9.61
N PRO B 141 -1.56 -18.44 9.96
CA PRO B 141 -0.37 -17.58 9.91
C PRO B 141 0.05 -17.18 8.51
N ARG B 142 0.90 -16.17 8.38
CA ARG B 142 1.21 -15.67 7.05
C ARG B 142 1.99 -16.70 6.23
N GLU B 143 2.81 -17.53 6.87
CA GLU B 143 3.71 -18.40 6.13
C GLU B 143 2.92 -19.49 5.42
N ALA B 144 3.23 -19.71 4.14
CA ALA B 144 2.55 -20.72 3.33
C ALA B 144 3.45 -21.15 2.18
N LYS B 145 3.25 -22.38 1.73
CA LYS B 145 4.00 -22.92 0.60
C LYS B 145 3.02 -23.23 -0.52
N VAL B 146 3.31 -22.70 -1.70
CA VAL B 146 2.49 -22.93 -2.87
C VAL B 146 3.40 -23.45 -3.96
N GLN B 147 3.13 -24.67 -4.43
CA GLN B 147 3.93 -25.34 -5.44
C GLN B 147 3.07 -25.62 -6.66
N TRP B 148 3.63 -25.36 -7.85
CA TRP B 148 2.96 -25.57 -9.13
C TRP B 148 3.40 -26.89 -9.75
N LYS B 149 2.45 -27.77 -10.08
CA LYS B 149 2.74 -29.03 -10.77
C LYS B 149 2.03 -29.03 -12.13
N VAL B 150 2.80 -29.13 -13.22
CA VAL B 150 2.27 -29.16 -14.58
C VAL B 150 2.72 -30.44 -15.25
N ASP B 151 1.82 -31.08 -16.02
CA ASP B 151 2.11 -32.39 -16.61
C ASP B 151 2.56 -33.31 -15.47
N ASN B 152 2.13 -32.96 -14.25
CA ASN B 152 2.48 -33.51 -12.94
C ASN B 152 3.94 -33.31 -12.51
N ALA B 153 4.78 -32.61 -13.28
CA ALA B 153 6.13 -32.28 -12.84
C ALA B 153 6.17 -30.93 -12.09
N LEU B 154 6.92 -30.90 -10.99
CA LEU B 154 7.05 -29.66 -10.22
C LEU B 154 7.72 -28.56 -11.05
N GLN B 155 7.17 -27.36 -10.91
CA GLN B 155 7.59 -26.15 -11.62
C GLN B 155 8.57 -25.36 -10.78
N SER B 156 9.47 -24.66 -11.46
CA SER B 156 10.39 -23.80 -10.73
C SER B 156 10.82 -22.63 -11.60
N GLY B 157 10.72 -21.41 -11.07
CA GLY B 157 11.26 -20.24 -11.72
C GLY B 157 10.32 -19.57 -12.68
N ASN B 158 9.09 -20.07 -12.77
CA ASN B 158 8.11 -19.50 -13.69
C ASN B 158 6.82 -19.16 -12.96
N SER B 159 6.90 -18.85 -11.67
CA SER B 159 5.78 -18.23 -10.97
C SER B 159 6.27 -17.06 -10.13
N GLN B 160 5.49 -15.99 -10.08
CA GLN B 160 5.58 -14.94 -9.05
C GLN B 160 4.39 -15.06 -8.10
N GLU B 161 4.52 -14.48 -6.92
CA GLU B 161 3.35 -14.40 -6.04
C GLU B 161 3.38 -13.11 -5.25
N SER B 162 2.23 -12.77 -4.70
CA SER B 162 2.13 -11.57 -3.88
C SER B 162 1.02 -11.76 -2.87
N VAL B 163 1.20 -11.14 -1.70
CA VAL B 163 0.35 -11.34 -0.54
C VAL B 163 -0.20 -9.97 -0.10
N THR B 164 -1.43 -9.97 0.41
CA THR B 164 -1.98 -8.75 0.95
C THR B 164 -1.31 -8.38 2.27
N GLU B 165 -1.48 -7.12 2.66
CA GLU B 165 -1.25 -6.78 4.05
C GLU B 165 -2.36 -7.41 4.90
N GLN B 166 -2.05 -7.67 6.17
CA GLN B 166 -3.03 -8.30 7.05
C GLN B 166 -4.34 -7.53 7.06
N ASP B 167 -5.45 -8.25 6.83
CA ASP B 167 -6.78 -7.65 6.87
C ASP B 167 -7.05 -7.05 8.24
N SER B 168 -7.86 -5.99 8.24
CA SER B 168 -8.09 -5.21 9.44
C SER B 168 -9.34 -5.62 10.21
N LYS B 169 -10.22 -6.43 9.63
CA LYS B 169 -11.31 -7.05 10.37
C LYS B 169 -10.88 -8.41 10.92
N ASP B 170 -10.71 -9.40 10.03
CA ASP B 170 -10.52 -10.77 10.46
C ASP B 170 -9.08 -11.08 10.87
N SER B 171 -8.12 -10.25 10.48
CA SER B 171 -6.68 -10.45 10.75
C SER B 171 -6.07 -11.53 9.86
N THR B 172 -6.68 -11.83 8.71
CA THR B 172 -6.16 -12.84 7.81
C THR B 172 -5.31 -12.25 6.70
N TYR B 173 -4.68 -13.14 5.93
CA TYR B 173 -3.95 -12.80 4.72
C TYR B 173 -4.54 -13.54 3.53
N SER B 174 -4.21 -13.06 2.33
CA SER B 174 -4.61 -13.73 1.11
C SER B 174 -3.45 -13.61 0.15
N LEU B 175 -3.33 -14.59 -0.74
CA LEU B 175 -2.12 -14.73 -1.53
C LEU B 175 -2.49 -15.16 -2.94
N SER B 176 -1.67 -14.75 -3.90
CA SER B 176 -1.93 -15.14 -5.28
C SER B 176 -0.60 -15.52 -5.94
N SER B 177 -0.46 -16.82 -6.21
CA SER B 177 0.59 -17.32 -7.07
C SER B 177 0.11 -17.31 -8.51
N THR B 178 0.94 -16.75 -9.39
CA THR B 178 0.65 -16.67 -10.81
C THR B 178 1.73 -17.43 -11.56
N LEU B 179 1.31 -18.40 -12.36
CA LEU B 179 2.23 -19.17 -13.18
C LEU B 179 2.05 -18.73 -14.63
N THR B 180 3.17 -18.41 -15.28
CA THR B 180 3.15 -17.84 -16.63
C THR B 180 3.93 -18.72 -17.61
N LEU B 181 3.30 -19.02 -18.75
CA LEU B 181 3.87 -19.79 -19.85
C LEU B 181 3.53 -19.15 -21.17
N SER B 182 4.35 -19.45 -22.19
CA SER B 182 3.96 -19.10 -23.55
C SER B 182 2.74 -19.93 -23.94
N LYS B 183 2.04 -19.49 -24.99
CA LYS B 183 0.85 -20.21 -25.42
C LYS B 183 1.19 -21.64 -25.80
N ALA B 184 2.28 -21.79 -26.57
CA ALA B 184 2.68 -23.10 -27.06
C ALA B 184 2.96 -24.06 -25.90
N ASP B 185 3.84 -23.67 -24.99
CA ASP B 185 4.15 -24.53 -23.85
C ASP B 185 2.89 -24.85 -23.05
N TYR B 186 1.91 -23.95 -23.07
CA TYR B 186 0.66 -24.21 -22.34
C TYR B 186 -0.21 -25.21 -23.08
N GLU B 187 -0.22 -25.21 -24.41
CA GLU B 187 -1.08 -26.13 -25.14
C GLU B 187 -0.52 -27.54 -25.17
N LYS B 188 0.78 -27.73 -24.89
CA LYS B 188 1.33 -29.08 -24.95
C LYS B 188 1.01 -29.90 -23.71
N HIS B 189 0.70 -29.24 -22.60
CA HIS B 189 0.55 -29.92 -21.32
C HIS B 189 -0.91 -29.96 -20.90
N LYS B 190 -1.31 -30.99 -20.17
CA LYS B 190 -2.73 -31.22 -19.93
C LYS B 190 -3.19 -30.84 -18.53
N VAL B 191 -2.46 -31.23 -17.50
CA VAL B 191 -2.98 -31.15 -16.14
C VAL B 191 -2.18 -30.12 -15.36
N TYR B 192 -2.90 -29.16 -14.76
CA TYR B 192 -2.35 -28.03 -14.04
C TYR B 192 -2.87 -28.02 -12.62
N ALA B 193 -1.98 -27.77 -11.65
CA ALA B 193 -2.34 -27.86 -10.25
C ALA B 193 -1.39 -27.01 -9.43
N CYS B 194 -1.90 -26.54 -8.28
CA CYS B 194 -1.08 -25.87 -7.29
C CYS B 194 -1.34 -26.58 -5.97
N GLU B 195 -0.25 -26.96 -5.31
CA GLU B 195 -0.29 -27.68 -4.05
C GLU B 195 0.06 -26.70 -2.94
N VAL B 196 -0.75 -26.70 -1.88
CA VAL B 196 -0.69 -25.67 -0.85
C VAL B 196 -0.47 -26.33 0.51
N THR B 197 0.69 -26.06 1.12
CA THR B 197 0.97 -26.47 2.48
C THR B 197 0.79 -25.29 3.43
N HIS B 198 -0.01 -25.49 4.49
CA HIS B 198 -0.23 -24.45 5.49
C HIS B 198 -0.39 -25.06 6.87
N GLN B 199 0.12 -24.35 7.87
CA GLN B 199 0.06 -24.79 9.25
C GLN B 199 -1.35 -25.14 9.71
N GLY B 200 -2.38 -24.63 9.03
CA GLY B 200 -3.74 -24.95 9.39
C GLY B 200 -4.37 -26.03 8.54
N LEU B 201 -3.59 -26.71 7.71
CA LEU B 201 -4.06 -27.85 6.92
C LEU B 201 -3.31 -29.08 7.40
N SER B 202 -4.04 -30.09 7.88
CA SER B 202 -3.43 -31.32 8.39
C SER B 202 -2.52 -31.98 7.37
N SER B 203 -2.80 -31.80 6.08
CA SER B 203 -1.98 -32.28 4.99
C SER B 203 -2.17 -31.35 3.81
N PRO B 204 -1.18 -31.25 2.88
CA PRO B 204 -1.31 -30.35 1.74
C PRO B 204 -2.65 -30.40 1.00
N VAL B 205 -2.96 -29.31 0.28
CA VAL B 205 -4.18 -29.20 -0.52
C VAL B 205 -3.78 -28.92 -1.97
N THR B 206 -4.36 -29.69 -2.89
CA THR B 206 -4.22 -29.45 -4.32
C THR B 206 -5.57 -29.07 -4.92
N LYS B 207 -5.57 -28.02 -5.73
CA LYS B 207 -6.63 -27.77 -6.68
C LYS B 207 -6.02 -27.86 -8.06
N SER B 208 -6.74 -28.51 -8.97
CA SER B 208 -6.21 -28.78 -10.29
C SER B 208 -7.30 -28.56 -11.31
N PHE B 209 -6.88 -28.47 -12.57
CA PHE B 209 -7.81 -28.47 -13.68
C PHE B 209 -7.08 -29.14 -14.83
N ASN B 210 -7.79 -29.97 -15.58
CA ASN B 210 -7.29 -30.47 -16.85
C ASN B 210 -7.82 -29.56 -17.94
N ARG B 211 -6.90 -28.98 -18.71
CA ARG B 211 -7.18 -28.38 -20.02
C ARG B 211 -8.26 -29.15 -20.78
N GLY B 212 -9.35 -28.47 -21.14
CA GLY B 212 -10.42 -29.09 -21.92
C GLY B 212 -11.24 -30.16 -21.21
#